data_1A1B
#
_entry.id   1A1B
#
_cell.length_a   52.500
_cell.length_b   67.100
_cell.length_c   74.500
_cell.angle_alpha   90.00
_cell.angle_beta   90.00
_cell.angle_gamma   90.00
#
_symmetry.space_group_name_H-M   'P 21 21 21'
#
loop_
_entity.id
_entity.type
_entity.pdbx_description
1 polymer 'C-SRC TYROSINE KINASE'
2 polymer 'ACE-PHOSPHOTYR-GLU-(N,N-DIPENTYL AMINE)'
3 water water
#
loop_
_entity_poly.entity_id
_entity_poly.type
_entity_poly.pdbx_seq_one_letter_code
_entity_poly.pdbx_strand_id
1 'polypeptide(L)'
;MDSIQAEEWYFGKITRRESERLLLNAENPRGTFLVRESETTKGAYCLSVSDFDNAKGLNVKHYKIRKLDSGGFYITSRTQ
FNSLQQLVAYYSKHADGLCHRLTTVCP
;
A,B
2 'polypeptide(L)' (ACE)(PTR)E(DIP) C,D
#
loop_
_chem_comp.id
_chem_comp.type
_chem_comp.name
_chem_comp.formula
ACE non-polymer 'ACETYL GROUP' 'C2 H4 O'
DIP non-polymer DIPENTYLAMINE 'C10 H23 N'
#
# COMPACT_ATOMS: atom_id res chain seq x y z
N SER A 3 18.05 -21.05 3.70
CA SER A 3 18.05 -19.95 2.76
C SER A 3 16.63 -19.52 2.75
N ILE A 4 16.41 -18.22 2.99
CA ILE A 4 15.07 -17.69 2.96
C ILE A 4 14.42 -17.68 1.55
N GLN A 5 15.18 -17.77 0.44
CA GLN A 5 14.63 -17.69 -0.89
C GLN A 5 13.66 -18.80 -1.14
N ALA A 6 13.95 -19.92 -0.47
CA ALA A 6 13.17 -21.13 -0.64
C ALA A 6 12.13 -21.32 0.42
N GLU A 7 11.94 -20.40 1.36
CA GLU A 7 10.89 -20.54 2.35
C GLU A 7 9.51 -20.36 1.73
N GLU A 8 8.56 -21.17 2.20
CA GLU A 8 7.16 -21.19 1.76
C GLU A 8 6.44 -19.85 1.93
N TRP A 9 6.78 -19.22 3.07
CA TRP A 9 6.17 -17.97 3.45
C TRP A 9 6.92 -16.78 2.93
N TYR A 10 8.11 -16.93 2.32
CA TYR A 10 8.88 -15.77 1.91
C TYR A 10 8.55 -15.46 0.47
N PHE A 11 8.15 -14.21 0.20
CA PHE A 11 7.79 -13.84 -1.15
C PHE A 11 8.67 -12.82 -1.82
N GLY A 12 9.88 -12.63 -1.32
CA GLY A 12 10.88 -11.87 -2.03
C GLY A 12 10.50 -10.43 -2.26
N LYS A 13 10.63 -10.02 -3.52
CA LYS A 13 10.39 -8.63 -3.93
C LYS A 13 9.02 -8.31 -4.47
N ILE A 14 7.94 -9.04 -4.17
CA ILE A 14 6.59 -8.64 -4.61
C ILE A 14 6.21 -7.32 -3.97
N THR A 15 5.42 -6.52 -4.72
CA THR A 15 5.11 -5.17 -4.28
C THR A 15 4.06 -5.22 -3.22
N ARG A 16 3.83 -4.06 -2.55
CA ARG A 16 2.77 -3.93 -1.56
C ARG A 16 1.42 -4.30 -2.21
N ARG A 17 1.15 -3.77 -3.38
CA ARG A 17 -0.04 -4.07 -4.13
C ARG A 17 -0.28 -5.58 -4.43
N GLU A 18 0.76 -6.28 -4.94
CA GLU A 18 0.68 -7.71 -5.20
C GLU A 18 0.41 -8.48 -3.96
N SER A 19 1.00 -8.11 -2.81
CA SER A 19 0.75 -8.87 -1.60
C SER A 19 -0.72 -8.76 -1.19
N GLU A 20 -1.29 -7.58 -1.34
CA GLU A 20 -2.67 -7.39 -1.00
C GLU A 20 -3.54 -8.17 -1.94
N ARG A 21 -3.18 -8.24 -3.24
CA ARG A 21 -3.94 -9.01 -4.21
C ARG A 21 -3.87 -10.49 -3.82
N LEU A 22 -2.74 -10.98 -3.31
CA LEU A 22 -2.68 -12.36 -2.88
C LEU A 22 -3.50 -12.65 -1.63
N LEU A 23 -3.40 -11.70 -0.70
CA LEU A 23 -4.01 -11.93 0.58
C LEU A 23 -5.49 -11.63 0.65
N LEU A 24 -6.06 -10.69 -0.12
CA LEU A 24 -7.47 -10.33 -0.01
C LEU A 24 -8.31 -11.31 -0.80
N ASN A 25 -8.62 -12.42 -0.21
CA ASN A 25 -9.29 -13.43 -0.97
C ASN A 25 -10.06 -14.21 0.03
N ALA A 26 -11.34 -14.40 -0.31
CA ALA A 26 -12.28 -15.17 0.46
C ALA A 26 -11.82 -16.52 0.91
N GLU A 27 -10.95 -17.22 0.16
CA GLU A 27 -10.44 -18.53 0.60
C GLU A 27 -9.44 -18.49 1.78
N ASN A 28 -8.90 -17.30 2.15
CA ASN A 28 -7.89 -17.20 3.19
C ASN A 28 -8.45 -16.94 4.57
N PRO A 29 -8.10 -17.74 5.59
CA PRO A 29 -8.45 -17.50 6.98
C PRO A 29 -7.91 -16.14 7.49
N ARG A 30 -8.46 -15.59 8.56
CA ARG A 30 -7.89 -14.39 9.16
C ARG A 30 -6.54 -14.85 9.66
N GLY A 31 -5.46 -14.10 9.47
CA GLY A 31 -4.18 -14.61 9.92
C GLY A 31 -3.38 -15.21 8.78
N THR A 32 -3.84 -15.27 7.53
CA THR A 32 -2.99 -15.67 6.42
C THR A 32 -1.90 -14.61 6.27
N PHE A 33 -0.65 -15.00 6.01
CA PHE A 33 0.46 -14.04 5.93
C PHE A 33 1.50 -14.43 4.91
N LEU A 34 2.42 -13.48 4.73
CA LEU A 34 3.59 -13.67 3.92
C LEU A 34 4.62 -12.68 4.39
N VAL A 35 5.90 -12.95 4.19
CA VAL A 35 6.97 -12.01 4.50
C VAL A 35 7.57 -11.57 3.17
N ARG A 36 7.92 -10.31 2.99
CA ARG A 36 8.49 -9.83 1.73
C ARG A 36 9.50 -8.70 2.06
N GLU A 37 10.23 -8.18 1.09
CA GLU A 37 11.01 -6.98 1.29
C GLU A 37 10.10 -5.78 1.28
N SER A 38 10.47 -4.78 2.07
CA SER A 38 9.77 -3.53 2.07
C SER A 38 10.25 -2.81 0.80
N GLU A 39 9.36 -2.19 0.01
CA GLU A 39 9.75 -1.42 -1.17
C GLU A 39 10.22 -0.02 -0.79
N THR A 40 9.69 0.42 0.35
CA THR A 40 9.84 1.76 0.86
C THR A 40 11.04 2.01 1.78
N THR A 41 11.50 1.03 2.54
CA THR A 41 12.65 1.13 3.44
C THR A 41 13.58 0.00 2.99
N LYS A 42 14.72 0.30 2.41
CA LYS A 42 15.61 -0.77 1.97
C LYS A 42 16.31 -1.32 3.16
N GLY A 43 16.48 -2.61 3.10
CA GLY A 43 17.02 -3.33 4.20
C GLY A 43 15.91 -3.83 5.12
N ALA A 44 14.69 -3.34 4.97
CA ALA A 44 13.65 -3.80 5.88
C ALA A 44 12.77 -4.83 5.22
N TYR A 45 12.17 -5.72 5.99
CA TYR A 45 11.20 -6.66 5.46
C TYR A 45 9.80 -6.28 5.88
N CYS A 46 8.82 -7.08 5.54
CA CYS A 46 7.48 -6.72 5.88
C CYS A 46 6.65 -7.97 6.04
N LEU A 47 5.84 -8.04 7.10
CA LEU A 47 4.89 -9.12 7.36
C LEU A 47 3.53 -8.61 6.96
N SER A 48 2.89 -9.16 5.94
CA SER A 48 1.58 -8.73 5.55
C SER A 48 0.62 -9.81 5.98
N VAL A 49 -0.51 -9.40 6.59
CA VAL A 49 -1.46 -10.30 7.28
C VAL A 49 -2.90 -9.97 6.84
N SER A 50 -3.72 -10.95 6.44
CA SER A 50 -5.12 -10.69 6.11
C SER A 50 -5.91 -10.64 7.42
N ASP A 51 -6.90 -9.77 7.47
CA ASP A 51 -7.71 -9.58 8.66
C ASP A 51 -9.14 -9.36 8.19
N PHE A 52 -10.11 -9.45 9.07
CA PHE A 52 -11.48 -9.14 8.70
C PHE A 52 -12.12 -8.43 9.87
N ASP A 53 -12.67 -7.25 9.55
CA ASP A 53 -13.47 -6.53 10.51
C ASP A 53 -14.81 -6.27 9.86
N ASN A 54 -15.82 -6.30 10.74
CA ASN A 54 -17.23 -6.18 10.36
C ASN A 54 -17.55 -5.00 9.45
N ALA A 55 -16.87 -3.85 9.64
CA ALA A 55 -17.10 -2.66 8.85
C ALA A 55 -16.43 -2.70 7.48
N LYS A 56 -15.14 -3.00 7.42
CA LYS A 56 -14.41 -2.99 6.17
C LYS A 56 -14.28 -4.37 5.52
N GLY A 57 -14.85 -5.46 6.05
CA GLY A 57 -14.67 -6.77 5.45
C GLY A 57 -13.22 -7.18 5.48
N LEU A 58 -12.71 -7.66 4.35
CA LEU A 58 -11.38 -8.22 4.32
C LEU A 58 -10.42 -7.10 4.10
N ASN A 59 -9.36 -7.01 4.89
CA ASN A 59 -8.35 -5.97 4.69
C ASN A 59 -6.97 -6.56 5.01
N VAL A 60 -5.88 -5.89 4.68
CA VAL A 60 -4.55 -6.43 4.90
C VAL A 60 -3.85 -5.44 5.82
N LYS A 61 -3.13 -5.89 6.83
CA LYS A 61 -2.33 -5.00 7.68
C LYS A 61 -0.85 -5.23 7.33
N HIS A 62 0.10 -4.30 7.39
CA HIS A 62 1.46 -4.54 7.03
C HIS A 62 2.29 -4.03 8.16
N TYR A 63 3.20 -4.85 8.64
CA TYR A 63 4.06 -4.52 9.76
C TYR A 63 5.53 -4.51 9.30
N LYS A 64 6.30 -3.45 9.42
CA LYS A 64 7.66 -3.45 8.94
C LYS A 64 8.48 -4.35 9.83
N ILE A 65 9.51 -5.04 9.37
CA ILE A 65 10.36 -5.86 10.23
C ILE A 65 11.75 -5.24 10.12
N ARG A 66 12.30 -4.73 11.23
CA ARG A 66 13.60 -4.09 11.12
C ARG A 66 14.70 -5.08 11.47
N LYS A 67 15.84 -4.90 10.85
CA LYS A 67 16.96 -5.77 11.04
C LYS A 67 17.94 -5.10 11.99
N LEU A 68 18.28 -5.74 13.08
CA LEU A 68 19.31 -5.18 13.94
C LEU A 68 20.63 -5.43 13.24
N ASP A 69 21.48 -4.42 13.17
CA ASP A 69 22.81 -4.53 12.57
C ASP A 69 23.65 -5.58 13.31
N SER A 70 23.37 -5.74 14.59
CA SER A 70 23.93 -6.83 15.34
C SER A 70 23.42 -8.20 14.86
N GLY A 71 22.30 -8.35 14.13
CA GLY A 71 21.84 -9.67 13.69
C GLY A 71 20.32 -9.93 13.82
N GLY A 72 19.67 -9.55 14.91
CA GLY A 72 18.26 -9.86 15.06
C GLY A 72 17.27 -9.11 14.18
N PHE A 73 16.00 -9.35 14.46
CA PHE A 73 14.89 -8.82 13.71
C PHE A 73 13.85 -8.40 14.74
N TYR A 74 13.08 -7.34 14.51
CA TYR A 74 12.00 -7.01 15.44
C TYR A 74 10.86 -6.26 14.73
N ILE A 75 9.67 -6.41 15.31
CA ILE A 75 8.50 -5.59 14.99
C ILE A 75 8.26 -4.66 16.21
N THR A 76 8.29 -5.10 17.49
CA THR A 76 8.07 -4.23 18.65
C THR A 76 9.23 -4.38 19.63
N SER A 77 9.29 -3.54 20.67
CA SER A 77 10.29 -3.63 21.74
C SER A 77 10.04 -4.80 22.68
N ARG A 78 8.86 -5.40 22.65
CA ARG A 78 8.56 -6.52 23.55
C ARG A 78 9.42 -7.76 23.31
N THR A 79 9.78 -8.13 22.07
CA THR A 79 10.55 -9.33 21.77
C THR A 79 11.40 -9.07 20.52
N GLN A 80 12.61 -9.61 20.48
CA GLN A 80 13.49 -9.49 19.30
C GLN A 80 13.81 -10.91 18.84
N PHE A 81 14.27 -11.20 17.64
CA PHE A 81 14.49 -12.56 17.21
C PHE A 81 15.76 -12.68 16.46
N ASN A 82 16.37 -13.85 16.45
CA ASN A 82 17.61 -14.02 15.71
C ASN A 82 17.42 -14.45 14.28
N SER A 83 16.20 -14.80 13.85
CA SER A 83 15.95 -15.09 12.45
C SER A 83 14.49 -14.79 12.12
N LEU A 84 14.17 -14.71 10.82
CA LEU A 84 12.80 -14.49 10.37
C LEU A 84 12.04 -15.75 10.65
N GLN A 85 12.64 -16.96 10.54
CA GLN A 85 11.92 -18.20 10.87
C GLN A 85 11.45 -18.19 12.33
N GLN A 86 12.27 -17.64 13.19
CA GLN A 86 11.98 -17.52 14.61
C GLN A 86 10.86 -16.50 14.82
N LEU A 87 10.93 -15.36 14.15
CA LEU A 87 9.87 -14.35 14.24
C LEU A 87 8.57 -14.97 13.73
N VAL A 88 8.56 -15.68 12.60
CA VAL A 88 7.34 -16.23 12.06
C VAL A 88 6.79 -17.28 13.05
N ALA A 89 7.66 -18.10 13.63
CA ALA A 89 7.20 -19.10 14.56
C ALA A 89 6.57 -18.51 15.80
N TYR A 90 7.18 -17.47 16.35
CA TYR A 90 6.66 -16.87 17.55
C TYR A 90 5.26 -16.30 17.36
N TYR A 91 5.07 -15.52 16.29
CA TYR A 91 3.79 -14.87 16.08
C TYR A 91 2.72 -15.82 15.59
N SER A 92 3.09 -17.06 15.27
CA SER A 92 2.11 -18.08 14.96
C SER A 92 1.50 -18.62 16.26
N LYS A 93 2.23 -18.46 17.38
CA LYS A 93 1.76 -18.83 18.71
C LYS A 93 1.16 -17.63 19.41
N HIS A 94 1.67 -16.40 19.27
CA HIS A 94 1.14 -15.26 20.01
C HIS A 94 1.02 -14.04 19.14
N ALA A 95 -0.16 -13.38 19.09
CA ALA A 95 -0.32 -12.16 18.29
C ALA A 95 0.55 -11.00 18.78
N ASP A 96 0.59 -10.76 20.12
CA ASP A 96 1.40 -9.74 20.80
C ASP A 96 1.41 -8.42 20.14
N GLY A 97 0.20 -7.92 19.87
CA GLY A 97 0.06 -6.64 19.21
C GLY A 97 -0.37 -6.75 17.76
N LEU A 98 -0.09 -7.85 17.06
CA LEU A 98 -0.52 -7.99 15.68
C LEU A 98 -2.01 -8.08 15.67
N CYS A 99 -2.61 -7.83 14.52
CA CYS A 99 -4.04 -7.91 14.38
C CYS A 99 -4.51 -9.33 14.62
N HIS A 100 -3.73 -10.35 14.29
CA HIS A 100 -4.16 -11.69 14.54
C HIS A 100 -2.89 -12.52 14.53
N ARG A 101 -2.94 -13.64 15.25
CA ARG A 101 -1.93 -14.68 15.25
C ARG A 101 -1.74 -15.16 13.81
N LEU A 102 -0.57 -15.60 13.42
CA LEU A 102 -0.34 -16.04 12.06
C LEU A 102 -0.86 -17.47 11.99
N THR A 103 -1.80 -17.69 11.08
CA THR A 103 -2.36 -19.00 10.94
C THR A 103 -1.88 -19.76 9.68
N THR A 104 -2.12 -19.20 8.51
CA THR A 104 -1.94 -19.90 7.25
C THR A 104 -0.83 -19.24 6.43
N VAL A 105 0.13 -19.97 5.90
CA VAL A 105 1.05 -19.37 4.94
C VAL A 105 0.28 -19.05 3.65
N CYS A 106 0.43 -17.84 3.14
CA CYS A 106 -0.21 -17.47 1.91
C CYS A 106 0.17 -18.47 0.81
N PRO A 107 -0.84 -19.07 0.16
CA PRO A 107 -0.64 -20.06 -0.91
C PRO A 107 0.25 -19.62 -2.07
C ACE B 1 1.30 1.17 6.23
O ACE B 1 0.85 0.06 5.92
CH3 ACE B 1 1.04 2.41 5.39
N PTR B 2 2.19 1.37 7.18
CA PTR B 2 2.60 0.36 8.12
C PTR B 2 1.98 0.70 9.45
O PTR B 2 1.87 1.89 9.83
CB PTR B 2 4.13 0.30 8.28
CG PTR B 2 4.82 -0.15 6.98
CD1 PTR B 2 5.23 0.79 6.06
CD2 PTR B 2 5.00 -1.51 6.73
CE1 PTR B 2 5.79 0.39 4.85
CE2 PTR B 2 5.57 -1.92 5.53
CZ PTR B 2 5.97 -0.97 4.58
OH PTR B 2 6.59 -1.40 3.35
P PTR B 2 5.93 -1.30 1.94
O1P PTR B 2 6.08 0.12 1.59
O2P PTR B 2 6.73 -2.22 1.13
O3P PTR B 2 4.52 -1.74 2.17
H PTR B 2 2.61 2.26 7.25
N GLU B 3 1.59 -0.38 10.11
CA GLU B 3 1.04 -0.40 11.44
C GLU B 3 2.06 -0.06 12.55
N DIP B 4 1.64 0.48 13.74
C1 DIP B 4 0.26 0.92 13.91
C2 DIP B 4 0.34 2.35 13.41
C3 DIP B 4 -1.02 2.99 13.53
C4 DIP B 4 -0.95 4.38 12.96
C5 DIP B 4 -2.07 5.24 13.63
C1' DIP B 4 2.57 0.67 14.86
C2' DIP B 4 2.16 -0.32 15.97
C3' DIP B 4 2.47 -1.79 15.63
C4' DIP B 4 2.07 -2.74 16.74
C5' DIP B 4 2.61 -4.16 16.50
N ILE C 4 -13.97 0.09 -1.35
CA ILE C 4 -12.83 0.70 -2.01
C ILE C 4 -11.50 0.05 -1.67
N GLN C 5 -11.41 -0.64 -0.50
CA GLN C 5 -10.19 -1.33 -0.08
C GLN C 5 -9.67 -2.35 -1.08
N ALA C 6 -10.60 -2.90 -1.88
CA ALA C 6 -10.29 -3.87 -2.94
C ALA C 6 -10.12 -3.33 -4.38
N GLU C 7 -10.04 -1.99 -4.52
CA GLU C 7 -9.75 -1.37 -5.77
C GLU C 7 -8.29 -1.46 -6.06
N GLU C 8 -7.81 -1.95 -7.18
CA GLU C 8 -6.37 -2.09 -7.40
C GLU C 8 -5.60 -0.81 -7.14
N TRP C 9 -6.17 0.34 -7.48
CA TRP C 9 -5.46 1.59 -7.34
C TRP C 9 -5.55 2.23 -5.94
N TYR C 10 -6.29 1.67 -4.98
CA TYR C 10 -6.43 2.32 -3.70
C TYR C 10 -5.36 1.81 -2.77
N PHE C 11 -4.45 2.66 -2.32
CA PHE C 11 -3.37 2.19 -1.47
C PHE C 11 -3.57 2.59 -0.02
N GLY C 12 -4.74 3.09 0.32
CA GLY C 12 -5.14 3.34 1.71
C GLY C 12 -4.38 4.45 2.36
N LYS C 13 -3.82 4.12 3.52
CA LYS C 13 -3.11 5.07 4.39
C LYS C 13 -1.60 5.24 4.25
N ILE C 14 -1.02 5.00 3.08
CA ILE C 14 0.41 5.28 2.92
C ILE C 14 0.64 6.80 2.99
N THR C 15 1.84 7.23 3.36
CA THR C 15 2.11 8.64 3.44
C THR C 15 2.52 9.25 2.09
N ARG C 16 2.63 10.58 1.99
CA ARG C 16 3.09 11.25 0.78
C ARG C 16 4.47 10.77 0.39
N ARG C 17 5.34 10.57 1.37
CA ARG C 17 6.69 10.14 1.05
C ARG C 17 6.64 8.67 0.68
N GLU C 18 5.87 7.80 1.30
CA GLU C 18 5.78 6.42 0.80
C GLU C 18 5.28 6.46 -0.63
N SER C 19 4.25 7.20 -0.98
CA SER C 19 3.74 7.17 -2.32
C SER C 19 4.78 7.67 -3.32
N GLU C 20 5.66 8.63 -2.95
CA GLU C 20 6.66 9.06 -3.91
C GLU C 20 7.65 7.96 -4.07
N ARG C 21 8.01 7.20 -3.01
CA ARG C 21 8.90 6.06 -3.19
C ARG C 21 8.24 4.96 -4.01
N LEU C 22 6.98 4.64 -3.82
CA LEU C 22 6.34 3.64 -4.62
C LEU C 22 6.21 3.98 -6.08
N LEU C 23 6.11 5.26 -6.42
CA LEU C 23 5.84 5.65 -7.77
C LEU C 23 7.06 5.93 -8.59
N LEU C 24 8.05 6.56 -7.93
CA LEU C 24 9.23 7.00 -8.62
C LEU C 24 10.08 5.79 -8.80
N ASN C 25 9.84 5.47 -10.04
CA ASN C 25 10.43 4.31 -10.63
C ASN C 25 10.48 4.77 -12.07
N ALA C 26 11.78 4.72 -12.43
CA ALA C 26 12.30 5.09 -13.73
C ALA C 26 12.00 4.07 -14.81
N GLU C 27 11.18 3.10 -14.45
CA GLU C 27 10.70 2.09 -15.35
C GLU C 27 9.16 2.12 -15.34
N ASN C 28 8.55 3.21 -14.85
CA ASN C 28 7.10 3.32 -14.89
C ASN C 28 6.66 4.37 -15.89
N PRO C 29 5.64 4.17 -16.71
CA PRO C 29 5.19 5.20 -17.62
C PRO C 29 4.70 6.47 -16.92
N ARG C 30 4.84 7.62 -17.62
CA ARG C 30 4.23 8.87 -17.18
C ARG C 30 2.73 8.62 -16.94
N GLY C 31 2.19 9.12 -15.85
CA GLY C 31 0.78 8.91 -15.63
C GLY C 31 0.56 7.71 -14.76
N THR C 32 1.59 7.03 -14.23
CA THR C 32 1.32 5.99 -13.24
C THR C 32 0.85 6.66 -11.93
N PHE C 33 -0.11 6.06 -11.26
CA PHE C 33 -0.81 6.75 -10.21
C PHE C 33 -1.23 5.81 -9.10
N LEU C 34 -1.78 6.41 -8.03
CA LEU C 34 -2.49 5.69 -6.96
C LEU C 34 -3.36 6.71 -6.22
N VAL C 35 -4.38 6.23 -5.50
CA VAL C 35 -5.26 7.05 -4.65
C VAL C 35 -4.99 6.52 -3.23
N ARG C 36 -4.74 7.43 -2.30
CA ARG C 36 -4.46 7.10 -0.93
C ARG C 36 -5.22 8.15 -0.09
N GLU C 37 -5.23 8.07 1.23
CA GLU C 37 -5.84 9.09 2.07
C GLU C 37 -4.98 10.34 2.27
N SER C 38 -5.57 11.55 2.43
CA SER C 38 -4.73 12.71 2.69
C SER C 38 -4.31 12.60 4.14
N GLU C 39 -3.03 12.74 4.49
CA GLU C 39 -2.62 12.79 5.90
C GLU C 39 -3.01 14.14 6.51
N THR C 40 -2.81 15.13 5.67
CA THR C 40 -3.01 16.52 5.99
C THR C 40 -4.45 16.93 6.14
N THR C 41 -5.40 16.47 5.33
CA THR C 41 -6.77 16.92 5.54
C THR C 41 -7.61 15.71 5.83
N LYS C 42 -8.10 15.60 7.05
CA LYS C 42 -8.94 14.47 7.43
C LYS C 42 -10.17 14.46 6.56
N GLY C 43 -10.53 13.25 6.12
CA GLY C 43 -11.66 13.04 5.24
C GLY C 43 -11.39 13.17 3.72
N ALA C 44 -10.24 13.74 3.29
CA ALA C 44 -9.94 13.93 1.89
C ALA C 44 -9.06 12.79 1.42
N TYR C 45 -9.03 12.61 0.10
CA TYR C 45 -8.19 11.63 -0.54
C TYR C 45 -7.16 12.35 -1.35
N CYS C 46 -6.30 11.62 -2.01
CA CYS C 46 -5.26 12.27 -2.75
C CYS C 46 -4.90 11.35 -3.88
N LEU C 47 -4.81 11.92 -5.06
CA LEU C 47 -4.34 11.23 -6.26
C LEU C 47 -2.88 11.62 -6.48
N SER C 48 -1.93 10.67 -6.43
CA SER C 48 -0.50 10.91 -6.67
C SER C 48 -0.15 10.35 -8.04
N VAL C 49 0.47 11.15 -8.89
CA VAL C 49 0.70 10.84 -10.31
C VAL C 49 2.15 11.09 -10.66
N SER C 50 2.82 10.15 -11.32
CA SER C 50 4.19 10.38 -11.73
C SER C 50 4.20 11.23 -13.01
N ASP C 51 5.19 12.10 -13.12
CA ASP C 51 5.29 12.97 -14.24
C ASP C 51 6.73 13.10 -14.65
N PHE C 52 6.97 13.68 -15.80
CA PHE C 52 8.30 13.91 -16.26
C PHE C 52 8.29 15.19 -17.05
N ASP C 53 9.20 16.08 -16.68
CA ASP C 53 9.48 17.25 -17.47
C ASP C 53 10.99 17.36 -17.56
N ASN C 54 11.43 18.04 -18.64
CA ASN C 54 12.84 18.18 -19.00
C ASN C 54 13.75 18.53 -17.83
N ALA C 55 13.33 19.57 -17.12
CA ALA C 55 14.15 20.10 -16.05
C ALA C 55 14.14 19.24 -14.81
N LYS C 56 12.98 19.04 -14.21
CA LYS C 56 12.93 18.37 -12.93
C LYS C 56 13.07 16.89 -13.09
N GLY C 57 12.86 16.39 -14.30
CA GLY C 57 12.89 14.97 -14.50
C GLY C 57 11.67 14.29 -13.88
N LEU C 58 11.82 13.05 -13.45
CA LEU C 58 10.78 12.32 -12.74
C LEU C 58 10.40 13.02 -11.46
N ASN C 59 9.11 13.16 -11.20
CA ASN C 59 8.61 13.78 -9.99
C ASN C 59 7.17 13.30 -9.90
N VAL C 60 6.59 13.39 -8.72
CA VAL C 60 5.24 12.96 -8.48
C VAL C 60 4.45 14.22 -8.22
N LYS C 61 3.26 14.42 -8.77
CA LYS C 61 2.38 15.54 -8.44
C LYS C 61 1.28 15.01 -7.50
N HIS C 62 0.73 15.76 -6.53
CA HIS C 62 -0.30 15.23 -5.62
C HIS C 62 -1.50 16.14 -5.76
N TYR C 63 -2.68 15.57 -5.96
CA TYR C 63 -3.91 16.33 -6.16
C TYR C 63 -4.88 15.89 -5.08
N LYS C 64 -5.35 16.85 -4.28
CA LYS C 64 -6.25 16.54 -3.20
C LYS C 64 -7.64 16.26 -3.81
N ILE C 65 -8.38 15.29 -3.30
CA ILE C 65 -9.70 14.96 -3.80
C ILE C 65 -10.60 15.21 -2.62
N ARG C 66 -11.61 16.05 -2.72
CA ARG C 66 -12.46 16.35 -1.59
C ARG C 66 -13.81 15.70 -1.80
N LYS C 67 -14.45 15.36 -0.70
CA LYS C 67 -15.72 14.71 -0.73
C LYS C 67 -16.73 15.74 -0.30
N LEU C 68 -17.71 15.92 -1.15
CA LEU C 68 -18.83 16.77 -0.84
C LEU C 68 -19.69 16.00 0.16
N ASP C 69 -20.28 16.72 1.05
CA ASP C 69 -21.12 16.20 2.14
C ASP C 69 -22.34 15.47 1.63
N SER C 70 -22.86 15.90 0.48
CA SER C 70 -23.89 15.11 -0.18
C SER C 70 -23.33 13.78 -0.74
N GLY C 71 -22.00 13.64 -0.90
CA GLY C 71 -21.42 12.36 -1.34
C GLY C 71 -20.28 12.42 -2.37
N GLY C 72 -20.48 13.17 -3.45
CA GLY C 72 -19.55 13.23 -4.58
C GLY C 72 -18.13 13.64 -4.28
N PHE C 73 -17.29 13.62 -5.31
CA PHE C 73 -15.87 13.86 -5.19
C PHE C 73 -15.39 14.87 -6.20
N TYR C 74 -14.42 15.73 -5.90
CA TYR C 74 -13.92 16.62 -6.95
C TYR C 74 -12.44 16.95 -6.72
N ILE C 75 -11.79 17.31 -7.83
CA ILE C 75 -10.44 17.86 -7.80
C ILE C 75 -10.62 19.29 -8.31
N THR C 76 -11.42 19.62 -9.34
CA THR C 76 -11.62 21.01 -9.76
C THR C 76 -13.11 21.31 -9.93
N SER C 77 -13.51 22.54 -10.24
CA SER C 77 -14.91 22.92 -10.39
C SER C 77 -15.52 22.53 -11.73
N ARG C 78 -14.66 21.98 -12.60
CA ARG C 78 -15.08 21.57 -13.90
C ARG C 78 -16.01 20.35 -13.84
N THR C 79 -15.74 19.35 -13.01
CA THR C 79 -16.46 18.07 -13.04
C THR C 79 -16.52 17.59 -11.59
N GLN C 80 -17.56 16.85 -11.23
CA GLN C 80 -17.75 16.26 -9.90
C GLN C 80 -18.17 14.85 -10.18
N PHE C 81 -17.96 13.92 -9.29
CA PHE C 81 -18.18 12.53 -9.61
C PHE C 81 -18.92 11.89 -8.47
N ASN C 82 -19.84 10.99 -8.74
CA ASN C 82 -20.58 10.39 -7.66
C ASN C 82 -19.77 9.33 -6.97
N SER C 83 -18.63 8.92 -7.51
CA SER C 83 -17.84 7.98 -6.77
C SER C 83 -16.40 8.16 -7.17
N LEU C 84 -15.50 7.57 -6.38
CA LEU C 84 -14.07 7.65 -6.67
C LEU C 84 -13.68 6.87 -7.89
N GLN C 85 -14.31 5.74 -8.12
CA GLN C 85 -14.00 4.97 -9.30
C GLN C 85 -14.42 5.75 -10.56
N GLN C 86 -15.49 6.57 -10.47
CA GLN C 86 -15.88 7.39 -11.60
C GLN C 86 -14.85 8.47 -11.87
N LEU C 87 -14.26 9.02 -10.80
CA LEU C 87 -13.20 9.99 -10.96
C LEU C 87 -11.97 9.34 -11.62
N VAL C 88 -11.50 8.21 -11.10
CA VAL C 88 -10.38 7.53 -11.70
C VAL C 88 -10.65 7.21 -13.17
N ALA C 89 -11.83 6.65 -13.47
CA ALA C 89 -12.21 6.32 -14.84
C ALA C 89 -12.23 7.54 -15.77
N TYR C 90 -12.72 8.67 -15.31
CA TYR C 90 -12.78 9.87 -16.12
C TYR C 90 -11.37 10.35 -16.40
N TYR C 91 -10.50 10.42 -15.42
CA TYR C 91 -9.18 11.03 -15.67
C TYR C 91 -8.20 10.13 -16.37
N SER C 92 -8.59 8.87 -16.55
CA SER C 92 -7.87 7.96 -17.37
C SER C 92 -8.15 8.33 -18.82
N LYS C 93 -9.33 8.87 -19.16
CA LYS C 93 -9.57 9.29 -20.53
C LYS C 93 -9.34 10.80 -20.67
N HIS C 94 -9.43 11.67 -19.67
CA HIS C 94 -9.25 13.12 -19.90
C HIS C 94 -8.45 13.71 -18.78
N ALA C 95 -7.26 14.22 -19.09
CA ALA C 95 -6.43 14.85 -18.08
C ALA C 95 -7.07 16.10 -17.46
N ASP C 96 -7.75 16.97 -18.24
CA ASP C 96 -8.43 18.18 -17.75
C ASP C 96 -7.75 18.94 -16.64
N GLY C 97 -6.48 19.27 -16.86
CA GLY C 97 -5.73 20.08 -15.93
C GLY C 97 -4.71 19.31 -15.13
N LEU C 98 -4.88 17.99 -15.01
CA LEU C 98 -3.85 17.18 -14.40
C LEU C 98 -2.63 17.22 -15.33
N CYS C 99 -1.46 16.94 -14.78
CA CYS C 99 -0.22 16.84 -15.52
C CYS C 99 -0.26 15.82 -16.60
N HIS C 100 -1.02 14.75 -16.50
CA HIS C 100 -1.05 13.70 -17.53
C HIS C 100 -2.30 12.88 -17.26
N ARG C 101 -2.96 12.31 -18.26
CA ARG C 101 -4.01 11.32 -18.08
C ARG C 101 -3.46 10.20 -17.24
N LEU C 102 -4.31 9.50 -16.51
CA LEU C 102 -3.89 8.38 -15.70
C LEU C 102 -3.65 7.17 -16.62
N THR C 103 -2.47 6.53 -16.58
CA THR C 103 -2.19 5.44 -17.49
C THR C 103 -2.09 4.14 -16.70
N THR C 104 -1.13 3.89 -15.82
CA THR C 104 -1.00 2.56 -15.20
C THR C 104 -1.24 2.70 -13.69
N VAL C 105 -1.81 1.70 -13.03
CA VAL C 105 -1.88 1.72 -11.58
C VAL C 105 -0.48 1.41 -11.11
N CYS C 106 -0.07 2.03 -10.01
CA CYS C 106 1.20 1.78 -9.36
C CYS C 106 1.34 0.25 -9.22
N PRO C 107 2.42 -0.32 -9.73
CA PRO C 107 2.69 -1.75 -9.65
C PRO C 107 2.77 -2.34 -8.22
C ACE D 1 1.45 19.78 -2.57
O ACE D 1 1.80 18.78 -3.18
CH3 ACE D 1 2.35 20.40 -1.51
N PTR D 2 0.21 20.25 -2.63
CA PTR D 2 -0.78 19.78 -3.57
C PTR D 2 -0.85 20.73 -4.74
O PTR D 2 -0.62 21.94 -4.58
CB PTR D 2 -2.13 19.70 -2.86
CG PTR D 2 -2.12 18.56 -1.85
CD1 PTR D 2 -2.05 18.85 -0.50
CD2 PTR D 2 -2.18 17.25 -2.25
CE1 PTR D 2 -2.04 17.84 0.42
CE2 PTR D 2 -2.17 16.22 -1.34
CZ PTR D 2 -2.11 16.51 0.02
OH PTR D 2 -2.28 15.47 1.01
P PTR D 2 -1.04 14.83 1.77
O1P PTR D 2 -0.67 15.87 2.74
O2P PTR D 2 -1.64 13.59 2.32
O3P PTR D 2 -0.05 14.61 0.66
H PTR D 2 -0.04 20.96 -2.01
N GLU D 3 -1.20 20.20 -5.89
CA GLU D 3 -1.36 21.01 -7.08
C GLU D 3 -2.68 21.82 -7.07
N DIP D 4 -2.88 22.92 -7.82
C1 DIP D 4 -1.80 23.60 -8.54
C2 DIP D 4 -1.15 24.44 -7.45
C3 DIP D 4 -0.12 25.34 -8.05
C4 DIP D 4 0.88 25.70 -6.96
C5 DIP D 4 0.24 26.42 -5.78
C1' DIP D 4 -4.26 23.44 -7.91
C2' DIP D 4 -4.76 23.19 -9.35
C3' DIP D 4 -5.23 21.76 -9.68
C4' DIP D 4 -5.37 21.72 -11.18
C5' DIP D 4 -5.66 20.30 -11.61
#